data_4M6I
#
_entry.id   4M6I
#
_cell.length_a   125.427
_cell.length_b   45.935
_cell.length_c   68.050
_cell.angle_alpha   90.000
_cell.angle_beta   116.300
_cell.angle_gamma   90.000
#
_symmetry.space_group_name_H-M   'C 1 2 1'
#
loop_
_entity.id
_entity.type
_entity.pdbx_description
1 polymer 'Peptidoglycan Amidase Rv3717'
2 non-polymer 'ZINC ION'
3 water water
#
_entity_poly.entity_id   1
_entity_poly.type   'polypeptide(L)'
_entity_poly.pdbx_seq_one_letter_code
;GHMTPANIAGMVVFIDPGHNGANDASIGRQVPTGRGGTKNCQASGTSTNSGYPEHTFTWETGLRLRAALNALGVRTALSR
GNDNALGPCVDERANMANALRPNAIVSLHADGGPASGRGFHVNYSAPPLNAIQAGPSVQFARIMRDQLQASGIPKANYIG
QDGLYGRSDLAGLNLAQYPSILVELGNMKNPADSALMESAEGRQKYANALVRGVAGFLATQGQAR
;
_entity_poly.pdbx_strand_id   A,B
#
loop_
_chem_comp.id
_chem_comp.type
_chem_comp.name
_chem_comp.formula
ZN non-polymer 'ZINC ION' 'Zn 2'
#
# COMPACT_ATOMS: atom_id res chain seq x y z
N ILE A 8 -6.74 -14.62 -12.37
CA ILE A 8 -6.10 -14.02 -11.19
C ILE A 8 -5.83 -12.53 -11.34
N ALA A 9 -6.06 -11.99 -12.53
CA ALA A 9 -5.98 -10.55 -12.72
C ALA A 9 -6.97 -9.76 -11.86
N GLY A 10 -6.47 -8.71 -11.24
CA GLY A 10 -7.24 -7.84 -10.36
C GLY A 10 -7.20 -8.19 -8.87
N MET A 11 -6.86 -9.44 -8.57
CA MET A 11 -6.37 -9.85 -7.25
C MET A 11 -5.34 -8.87 -6.69
N VAL A 12 -5.18 -8.87 -5.38
CA VAL A 12 -4.24 -8.00 -4.69
C VAL A 12 -3.22 -8.74 -3.82
N VAL A 13 -1.94 -8.44 -4.04
CA VAL A 13 -0.84 -9.03 -3.30
C VAL A 13 0.06 -7.97 -2.67
N PHE A 14 0.31 -8.10 -1.38
CA PHE A 14 1.21 -7.21 -0.64
C PHE A 14 2.59 -7.84 -0.48
N ILE A 15 3.61 -7.12 -0.94
CA ILE A 15 4.98 -7.63 -0.91
C ILE A 15 5.76 -6.89 0.15
N ASP A 16 6.41 -7.64 1.06
CA ASP A 16 7.15 -7.00 2.15
C ASP A 16 8.63 -7.37 2.10
N PRO A 17 9.46 -6.53 1.45
CA PRO A 17 10.90 -6.74 1.50
C PRO A 17 11.40 -6.47 2.90
N GLY A 18 11.85 -7.51 3.59
CA GLY A 18 12.26 -7.40 4.98
C GLY A 18 13.28 -6.31 5.23
N HIS A 19 13.15 -5.66 6.39
CA HIS A 19 14.06 -4.61 6.84
C HIS A 19 14.00 -3.34 5.98
N THR A 46 20.68 -9.12 8.15
CA THR A 46 22.01 -9.69 8.13
C THR A 46 22.73 -9.37 6.81
N SER A 47 23.80 -10.12 6.49
CA SER A 47 24.50 -9.91 5.23
C SER A 47 25.34 -11.10 4.76
N THR A 48 25.69 -11.08 3.49
CA THR A 48 26.64 -12.01 2.89
C THR A 48 28.04 -11.71 3.41
N ASN A 49 28.95 -12.67 3.29
CA ASN A 49 30.32 -12.41 3.72
C ASN A 49 30.98 -11.25 2.97
N SER A 50 30.60 -11.06 1.70
CA SER A 50 31.09 -9.91 0.94
C SER A 50 30.50 -8.57 1.37
N GLY A 51 29.45 -8.60 2.20
CA GLY A 51 28.85 -7.39 2.73
C GLY A 51 27.65 -6.91 1.92
N TYR A 52 27.09 -7.79 1.11
CA TYR A 52 25.86 -7.48 0.37
C TYR A 52 24.71 -7.67 1.35
N PRO A 53 24.00 -6.57 1.67
CA PRO A 53 23.05 -6.56 2.80
C PRO A 53 21.72 -7.24 2.48
N GLU A 54 21.11 -7.82 3.52
CA GLU A 54 19.80 -8.47 3.39
C GLU A 54 18.73 -7.53 2.84
N HIS A 55 18.69 -6.30 3.34
CA HIS A 55 17.67 -5.34 2.95
C HIS A 55 17.68 -5.02 1.44
N THR A 56 18.86 -5.04 0.84
CA THR A 56 18.98 -4.81 -0.60
C THR A 56 18.60 -6.03 -1.45
N PHE A 57 18.99 -7.21 -0.98
CA PHE A 57 18.58 -8.45 -1.63
C PHE A 57 17.07 -8.57 -1.67
N THR A 58 16.45 -8.35 -0.52
CA THR A 58 15.00 -8.47 -0.40
C THR A 58 14.31 -7.38 -1.19
N TRP A 59 14.87 -6.17 -1.18
CA TRP A 59 14.30 -5.07 -1.95
C TRP A 59 14.29 -5.39 -3.45
N GLU A 60 15.45 -5.75 -3.98
CA GLU A 60 15.61 -6.05 -5.40
C GLU A 60 14.76 -7.23 -5.88
N THR A 61 14.80 -8.30 -5.09
CA THR A 61 14.01 -9.48 -5.43
C THR A 61 12.52 -9.15 -5.37
N GLY A 62 12.15 -8.33 -4.41
CA GLY A 62 10.77 -7.91 -4.28
C GLY A 62 10.32 -7.10 -5.48
N LEU A 63 11.21 -6.26 -6.00
CA LEU A 63 10.91 -5.49 -7.21
C LEU A 63 10.72 -6.39 -8.44
N ARG A 64 11.54 -7.43 -8.54
CA ARG A 64 11.39 -8.36 -9.66
C ARG A 64 10.09 -9.16 -9.56
N LEU A 65 9.74 -9.56 -8.35
CA LEU A 65 8.48 -10.25 -8.11
C LEU A 65 7.33 -9.33 -8.48
N ARG A 66 7.47 -8.06 -8.10
CA ARG A 66 6.44 -7.06 -8.37
C ARG A 66 6.22 -6.89 -9.86
N ALA A 67 7.32 -6.80 -10.62
CA ALA A 67 7.20 -6.69 -12.07
C ALA A 67 6.53 -7.90 -12.69
N ALA A 68 6.87 -9.09 -12.21
CA ALA A 68 6.26 -10.31 -12.75
C ALA A 68 4.75 -10.34 -12.49
N LEU A 69 4.38 -10.00 -11.26
CA LEU A 69 2.98 -9.94 -10.89
C LEU A 69 2.21 -8.90 -11.69
N ASN A 70 2.75 -7.68 -11.81
CA ASN A 70 2.09 -6.68 -12.64
C ASN A 70 1.90 -7.21 -14.04
N ALA A 71 2.88 -7.97 -14.50
CA ALA A 71 2.80 -8.57 -15.84
C ALA A 71 1.65 -9.56 -15.90
N LEU A 72 1.27 -10.13 -14.77
CA LEU A 72 0.16 -11.09 -14.77
C LEU A 72 -1.20 -10.45 -14.52
N GLY A 73 -1.23 -9.13 -14.40
CA GLY A 73 -2.44 -8.39 -14.12
C GLY A 73 -2.84 -8.32 -12.65
N VAL A 74 -1.94 -8.80 -11.79
CA VAL A 74 -2.10 -8.81 -10.34
C VAL A 74 -1.76 -7.46 -9.71
N ARG A 75 -2.58 -6.95 -8.80
CA ARG A 75 -2.31 -5.64 -8.19
C ARG A 75 -1.37 -5.82 -7.00
N THR A 76 -0.27 -5.07 -6.98
CA THR A 76 0.77 -5.25 -5.98
C THR A 76 0.98 -4.00 -5.12
N ALA A 77 1.53 -4.19 -3.92
CA ALA A 77 2.00 -3.08 -3.10
C ALA A 77 3.26 -3.47 -2.33
N LEU A 78 4.04 -2.48 -1.92
CA LEU A 78 5.28 -2.75 -1.21
C LEU A 78 5.16 -2.19 0.20
N SER A 79 5.83 -2.82 1.15
CA SER A 79 5.86 -2.34 2.53
C SER A 79 6.67 -1.06 2.65
N ARG A 80 7.59 -0.85 1.72
CA ARG A 80 8.43 0.34 1.71
C ARG A 80 8.71 0.80 0.28
N GLY A 81 9.08 2.06 0.13
CA GLY A 81 9.24 2.68 -1.18
C GLY A 81 10.67 2.93 -1.61
N ASN A 82 11.63 2.46 -0.82
CA ASN A 82 13.04 2.70 -1.09
C ASN A 82 13.89 1.69 -0.32
N ASP A 83 15.19 1.71 -0.58
CA ASP A 83 16.10 0.85 0.16
C ASP A 83 17.21 1.67 0.82
N GLY A 87 12.58 2.55 7.29
CA GLY A 87 11.38 1.85 6.85
C GLY A 87 10.43 1.55 7.99
N PRO A 88 9.29 0.93 7.67
CA PRO A 88 8.26 0.71 8.70
C PRO A 88 8.66 -0.38 9.67
N CYS A 89 8.28 -0.31 10.94
CA CYS A 89 8.47 -1.43 11.88
C CYS A 89 7.28 -2.35 11.78
N VAL A 90 7.36 -3.55 12.38
CA VAL A 90 6.34 -4.58 12.21
C VAL A 90 4.87 -4.21 12.36
N ASP A 91 4.57 -3.23 13.18
CA ASP A 91 3.17 -2.84 13.26
C ASP A 91 2.60 -2.07 12.07
N GLU A 92 3.35 -1.13 11.50
CA GLU A 92 2.72 -0.42 10.42
C GLU A 92 2.65 -1.37 9.25
N ARG A 93 3.60 -2.29 9.11
CA ARG A 93 3.49 -3.29 8.04
C ARG A 93 2.27 -4.19 8.21
N ALA A 94 1.95 -4.54 9.46
CA ALA A 94 0.72 -5.29 9.70
C ALA A 94 -0.50 -4.45 9.37
N ASN A 95 -0.53 -3.19 9.80
CA ASN A 95 -1.67 -2.35 9.52
C ASN A 95 -1.85 -2.07 8.03
N MET A 96 -0.74 -1.83 7.32
CA MET A 96 -0.78 -1.64 5.88
C MET A 96 -1.36 -2.85 5.20
N ALA A 97 -0.78 -4.02 5.52
CA ALA A 97 -1.25 -5.23 4.89
C ALA A 97 -2.74 -5.45 5.15
N ASN A 98 -3.14 -5.36 6.41
CA ASN A 98 -4.55 -5.55 6.74
C ASN A 98 -5.45 -4.54 6.04
N ALA A 99 -4.96 -3.30 5.97
CA ALA A 99 -5.71 -2.19 5.38
C ALA A 99 -5.95 -2.44 3.91
N LEU A 100 -5.02 -3.18 3.29
CA LEU A 100 -5.16 -3.39 1.86
C LEU A 100 -5.99 -4.61 1.57
N ARG A 101 -6.25 -5.41 2.59
CA ARG A 101 -7.04 -6.64 2.47
C ARG A 101 -6.61 -7.48 1.27
N PRO A 102 -5.33 -7.88 1.22
CA PRO A 102 -4.87 -8.60 0.03
C PRO A 102 -5.29 -10.05 0.00
N ASN A 103 -5.20 -10.64 -1.19
CA ASN A 103 -5.41 -12.06 -1.38
C ASN A 103 -4.20 -12.81 -0.84
N ALA A 104 -3.06 -12.13 -0.82
CA ALA A 104 -1.83 -12.78 -0.36
C ALA A 104 -0.82 -11.75 0.14
N ILE A 105 -0.12 -12.11 1.21
CA ILE A 105 0.95 -11.28 1.75
C ILE A 105 2.19 -12.13 1.73
N VAL A 106 3.24 -11.65 1.09
CA VAL A 106 4.48 -12.40 1.08
C VAL A 106 5.64 -11.55 1.55
N SER A 107 6.28 -11.99 2.63
CA SER A 107 7.42 -11.28 3.19
C SER A 107 8.70 -11.97 2.76
N LEU A 108 9.70 -11.19 2.36
CA LEU A 108 10.96 -11.75 1.88
C LEU A 108 12.10 -11.46 2.83
N HIS A 109 12.85 -12.52 3.18
CA HIS A 109 13.99 -12.41 4.07
C HIS A 109 15.13 -13.32 3.61
N ALA A 110 16.29 -13.13 4.21
CA ALA A 110 17.38 -14.08 4.06
C ALA A 110 18.00 -14.28 5.44
N ASP A 111 18.41 -15.51 5.72
CA ASP A 111 18.89 -15.86 7.06
C ASP A 111 20.38 -15.58 7.24
N GLY A 112 20.77 -15.38 8.49
CA GLY A 112 22.18 -15.35 8.82
C GLY A 112 22.39 -16.54 9.74
N GLY A 113 22.65 -17.69 9.15
CA GLY A 113 22.79 -18.93 9.88
C GLY A 113 24.21 -19.43 9.84
N PRO A 114 24.43 -20.64 10.37
CA PRO A 114 25.77 -21.22 10.25
C PRO A 114 26.06 -21.46 8.77
N ALA A 115 27.30 -21.28 8.35
CA ALA A 115 27.65 -21.29 6.93
C ALA A 115 27.24 -22.54 6.13
N SER A 116 27.27 -23.70 6.77
CA SER A 116 26.96 -24.95 6.07
C SER A 116 25.48 -25.13 5.79
N GLY A 117 24.64 -24.34 6.45
CA GLY A 117 23.22 -24.41 6.21
C GLY A 117 22.85 -23.61 4.99
N ARG A 118 22.03 -24.18 4.11
CA ARG A 118 21.56 -23.46 2.95
C ARG A 118 20.17 -23.88 2.57
N GLY A 119 19.51 -23.06 1.77
CA GLY A 119 18.21 -23.39 1.26
C GLY A 119 17.14 -22.52 1.90
N PHE A 120 15.93 -22.60 1.36
CA PHE A 120 14.81 -21.78 1.79
C PHE A 120 13.97 -22.48 2.85
N HIS A 121 13.29 -21.71 3.69
CA HIS A 121 12.15 -22.23 4.42
C HIS A 121 10.97 -21.24 4.39
N VAL A 122 9.76 -21.77 4.38
CA VAL A 122 8.57 -20.95 4.35
C VAL A 122 7.94 -21.00 5.73
N ASN A 123 7.85 -19.83 6.33
CA ASN A 123 7.32 -19.72 7.67
C ASN A 123 5.85 -19.34 7.61
N TYR A 124 5.06 -19.95 8.48
CA TYR A 124 3.65 -19.62 8.58
C TYR A 124 3.24 -19.68 10.04
N SER A 125 2.20 -18.94 10.41
CA SER A 125 1.76 -18.92 11.80
C SER A 125 1.15 -20.25 12.27
N ALA A 126 1.72 -20.83 13.32
CA ALA A 126 1.12 -22.01 13.91
C ALA A 126 1.46 -22.12 15.40
N PRO A 127 0.46 -22.42 16.25
CA PRO A 127 -0.98 -22.59 15.97
C PRO A 127 -1.62 -21.28 15.47
N PRO A 128 -2.74 -21.38 14.72
CA PRO A 128 -3.41 -20.21 14.12
C PRO A 128 -4.11 -19.33 15.14
N LEU A 129 -4.17 -18.03 14.89
CA LEU A 129 -4.86 -17.12 15.79
C LEU A 129 -6.19 -16.73 15.16
N ASN A 130 -6.41 -17.21 13.94
CA ASN A 130 -7.68 -17.02 13.24
C ASN A 130 -7.85 -18.01 12.09
N ALA A 131 -9.00 -17.96 11.43
CA ALA A 131 -9.34 -18.96 10.44
C ALA A 131 -8.52 -18.84 9.15
N ILE A 132 -8.06 -17.63 8.83
CA ILE A 132 -7.22 -17.44 7.65
C ILE A 132 -5.85 -18.10 7.86
N GLN A 133 -5.29 -17.92 9.04
CA GLN A 133 -4.01 -18.55 9.41
C GLN A 133 -4.13 -20.07 9.50
N ALA A 134 -5.33 -20.55 9.81
CA ALA A 134 -5.57 -21.98 9.99
C ALA A 134 -5.66 -22.72 8.66
N GLY A 135 -6.04 -22.01 7.61
CA GLY A 135 -6.31 -22.64 6.34
C GLY A 135 -5.53 -22.02 5.20
N PRO A 136 -6.07 -20.94 4.61
CA PRO A 136 -5.48 -20.28 3.44
C PRO A 136 -3.98 -20.01 3.59
N SER A 137 -3.54 -19.56 4.76
CA SER A 137 -2.11 -19.28 4.94
C SER A 137 -1.26 -20.53 4.88
N VAL A 138 -1.78 -21.65 5.39
CA VAL A 138 -1.06 -22.91 5.32
C VAL A 138 -0.99 -23.48 3.91
N GLN A 139 -2.11 -23.40 3.20
CA GLN A 139 -2.15 -23.80 1.80
C GLN A 139 -1.14 -22.96 1.01
N PHE A 140 -1.11 -21.66 1.32
CA PHE A 140 -0.19 -20.74 0.65
C PHE A 140 1.24 -21.20 0.93
N ALA A 141 1.50 -21.61 2.17
CA ALA A 141 2.85 -22.00 2.52
C ALA A 141 3.27 -23.27 1.77
N ARG A 142 2.36 -24.25 1.70
CA ARG A 142 2.64 -25.51 1.01
C ARG A 142 2.88 -25.30 -0.48
N ILE A 143 2.00 -24.52 -1.11
CA ILE A 143 2.12 -24.25 -2.54
C ILE A 143 3.41 -23.50 -2.84
N MET A 144 3.74 -22.54 -1.99
CA MET A 144 4.98 -21.80 -2.15
C MET A 144 6.21 -22.69 -2.01
N ARG A 145 6.24 -23.55 -0.98
CA ARG A 145 7.34 -24.50 -0.84
C ARG A 145 7.50 -25.38 -2.08
N ASP A 146 6.38 -25.94 -2.55
CA ASP A 146 6.41 -26.81 -3.73
C ASP A 146 6.99 -26.06 -4.93
N GLN A 147 6.55 -24.82 -5.12
CA GLN A 147 6.95 -24.10 -6.33
C GLN A 147 8.40 -23.60 -6.26
N LEU A 148 8.86 -23.24 -5.07
CA LEU A 148 10.26 -22.85 -4.88
C LEU A 148 11.14 -24.03 -5.16
N GLN A 149 10.75 -25.19 -4.63
CA GLN A 149 11.48 -26.41 -4.92
C GLN A 149 11.49 -26.80 -6.40
N ALA A 150 10.35 -26.70 -7.08
CA ALA A 150 10.25 -27.04 -8.51
C ALA A 150 11.04 -26.10 -9.43
N SER A 151 11.40 -24.94 -8.90
CA SER A 151 12.07 -23.88 -9.67
C SER A 151 13.58 -23.84 -9.45
N GLY A 152 14.09 -24.85 -8.75
CA GLY A 152 15.51 -24.99 -8.51
C GLY A 152 16.07 -24.35 -7.25
N ILE A 153 15.20 -23.87 -6.37
CA ILE A 153 15.65 -23.30 -5.10
C ILE A 153 15.58 -24.41 -4.06
N PRO A 154 16.75 -24.89 -3.59
CA PRO A 154 16.75 -26.01 -2.63
C PRO A 154 16.11 -25.67 -1.28
N LYS A 155 15.32 -26.58 -0.75
CA LYS A 155 14.78 -26.46 0.60
C LYS A 155 15.92 -26.48 1.63
N ALA A 156 15.77 -25.67 2.68
CA ALA A 156 16.73 -25.59 3.76
C ALA A 156 17.06 -26.96 4.34
N ASN A 157 18.35 -27.23 4.54
CA ASN A 157 18.79 -28.50 5.12
C ASN A 157 19.08 -28.38 6.61
N TYR A 158 18.80 -27.21 7.19
CA TYR A 158 19.23 -26.90 8.54
C TYR A 158 18.11 -26.36 9.43
N ILE A 159 16.93 -26.15 8.86
CA ILE A 159 15.82 -25.58 9.61
C ILE A 159 14.48 -26.00 9.01
N GLY A 160 13.47 -26.11 9.86
CA GLY A 160 12.16 -26.54 9.43
C GLY A 160 12.12 -28.00 9.00
N GLN A 161 11.13 -28.34 8.20
CA GLN A 161 10.93 -29.69 7.72
C GLN A 161 10.35 -29.60 6.32
N ASP A 162 11.12 -30.09 5.34
CA ASP A 162 10.69 -30.10 3.94
C ASP A 162 10.40 -28.69 3.43
N GLY A 163 11.13 -27.71 3.95
CA GLY A 163 11.03 -26.34 3.47
C GLY A 163 9.89 -25.54 4.09
N LEU A 164 9.26 -26.11 5.12
CA LEU A 164 8.15 -25.46 5.80
C LEU A 164 8.47 -25.33 7.28
N TYR A 165 7.94 -24.29 7.92
CA TYR A 165 8.19 -24.12 9.34
C TYR A 165 6.99 -23.39 9.92
N GLY A 166 6.17 -24.12 10.67
CA GLY A 166 5.07 -23.52 11.40
C GLY A 166 5.54 -23.03 12.76
N ARG A 167 5.30 -21.76 13.05
CA ARG A 167 5.86 -21.19 14.27
C ARG A 167 4.97 -20.12 14.90
N SER A 168 5.22 -19.88 16.17
CA SER A 168 4.33 -19.06 16.99
C SER A 168 4.97 -17.75 17.42
N ASP A 169 6.25 -17.56 17.05
CA ASP A 169 7.02 -16.47 17.64
C ASP A 169 7.14 -15.20 16.78
N LEU A 170 6.62 -15.23 15.56
CA LEU A 170 6.80 -14.10 14.64
C LEU A 170 5.58 -13.19 14.60
N ALA A 171 5.75 -11.96 15.10
CA ALA A 171 4.66 -11.01 15.21
C ALA A 171 3.98 -10.71 13.87
N GLY A 172 4.79 -10.59 12.83
CA GLY A 172 4.30 -10.26 11.49
C GLY A 172 3.30 -11.25 10.94
N LEU A 173 3.52 -12.55 11.18
CA LEU A 173 2.59 -13.58 10.74
C LEU A 173 1.39 -13.67 11.67
N ASN A 174 1.64 -13.59 12.97
CA ASN A 174 0.59 -13.70 13.98
C ASN A 174 -0.49 -12.65 13.81
N LEU A 175 -0.11 -11.45 13.40
CA LEU A 175 -1.06 -10.34 13.38
C LEU A 175 -1.80 -10.24 12.04
N ALA A 176 -1.42 -11.08 11.09
CA ALA A 176 -2.00 -11.05 9.75
C ALA A 176 -3.43 -11.59 9.75
N GLN A 177 -4.33 -10.93 9.03
CA GLN A 177 -5.73 -11.36 8.96
C GLN A 177 -6.11 -11.81 7.56
N TYR A 178 -5.12 -11.82 6.68
CA TYR A 178 -5.26 -12.24 5.29
C TYR A 178 -4.10 -13.20 5.03
N PRO A 179 -4.19 -14.00 3.95
CA PRO A 179 -3.15 -15.03 3.79
C PRO A 179 -1.74 -14.47 3.71
N SER A 180 -0.86 -15.08 4.50
CA SER A 180 0.45 -14.51 4.76
C SER A 180 1.46 -15.59 5.10
N ILE A 181 2.60 -15.51 4.44
CA ILE A 181 3.74 -16.38 4.73
C ILE A 181 4.99 -15.51 4.72
N LEU A 182 6.05 -16.00 5.35
CA LEU A 182 7.31 -15.28 5.33
C LEU A 182 8.38 -16.22 4.79
N VAL A 183 8.96 -15.84 3.65
CA VAL A 183 9.91 -16.71 2.99
C VAL A 183 11.34 -16.29 3.28
N GLU A 184 12.11 -17.21 3.86
CA GLU A 184 13.54 -17.02 3.96
C GLU A 184 14.11 -17.73 2.75
N LEU A 185 14.64 -16.96 1.80
CA LEU A 185 15.02 -17.52 0.51
C LEU A 185 16.32 -18.31 0.60
N GLY A 186 17.11 -18.04 1.63
CA GLY A 186 18.34 -18.79 1.87
C GLY A 186 19.17 -18.24 3.02
N ASN A 187 20.39 -18.75 3.13
CA ASN A 187 21.32 -18.31 4.16
C ASN A 187 22.43 -17.46 3.56
N MET A 188 22.48 -16.19 3.93
CA MET A 188 23.46 -15.26 3.38
C MET A 188 24.91 -15.65 3.71
N LYS A 189 25.08 -16.50 4.72
CA LYS A 189 26.42 -16.88 5.14
C LYS A 189 26.89 -18.10 4.36
N ASN A 190 25.96 -18.73 3.66
CA ASN A 190 26.29 -19.88 2.82
C ASN A 190 26.83 -19.40 1.47
N PRO A 191 27.94 -19.99 1.02
CA PRO A 191 28.60 -19.56 -0.22
C PRO A 191 27.74 -19.70 -1.48
N ALA A 192 26.90 -20.73 -1.50
CA ALA A 192 26.07 -21.01 -2.67
C ALA A 192 24.86 -20.09 -2.70
N ASP A 193 24.21 -19.94 -1.56
CA ASP A 193 23.08 -19.04 -1.47
C ASP A 193 23.58 -17.64 -1.72
N SER A 194 24.70 -17.29 -1.12
CA SER A 194 25.19 -15.92 -1.25
C SER A 194 25.57 -15.66 -2.70
N ALA A 195 26.04 -16.71 -3.37
CA ALA A 195 26.41 -16.59 -4.77
C ALA A 195 25.19 -16.32 -5.64
N LEU A 196 24.08 -16.94 -5.29
CA LEU A 196 22.83 -16.67 -6.00
C LEU A 196 22.36 -15.25 -5.71
N MET A 197 22.36 -14.87 -4.44
CA MET A 197 21.86 -13.57 -3.99
C MET A 197 22.63 -12.34 -4.50
N GLU A 198 23.96 -12.45 -4.61
CA GLU A 198 24.79 -11.34 -5.06
C GLU A 198 24.84 -11.18 -6.57
N SER A 199 24.08 -12.04 -7.24
CA SER A 199 24.00 -12.12 -8.69
C SER A 199 22.60 -11.68 -9.12
N ALA A 200 22.50 -10.86 -10.15
CA ALA A 200 21.22 -10.46 -10.74
C ALA A 200 20.43 -11.66 -11.29
N GLU A 201 21.14 -12.61 -11.86
CA GLU A 201 20.53 -13.80 -12.45
C GLU A 201 19.90 -14.66 -11.36
N GLY A 202 20.62 -14.83 -10.25
CA GLY A 202 20.12 -15.54 -9.10
C GLY A 202 18.89 -14.90 -8.49
N ARG A 203 18.91 -13.58 -8.40
CA ARG A 203 17.79 -12.85 -7.83
C ARG A 203 16.55 -12.98 -8.71
N GLN A 204 16.78 -13.00 -10.03
CA GLN A 204 15.68 -13.20 -10.95
C GLN A 204 15.12 -14.63 -10.83
N LYS A 205 16.00 -15.62 -10.73
CA LYS A 205 15.62 -16.99 -10.39
C LYS A 205 14.66 -17.02 -9.18
N TYR A 206 15.10 -16.43 -8.08
CA TYR A 206 14.29 -16.38 -6.86
C TYR A 206 12.94 -15.75 -7.17
N ALA A 207 12.95 -14.68 -7.95
CA ALA A 207 11.71 -13.99 -8.28
C ALA A 207 10.76 -14.87 -9.10
N ASN A 208 11.29 -15.59 -10.08
CA ASN A 208 10.51 -16.52 -10.87
C ASN A 208 9.85 -17.60 -10.01
N ALA A 209 10.60 -18.10 -9.04
CA ALA A 209 10.05 -19.12 -8.16
C ALA A 209 8.95 -18.53 -7.28
N LEU A 210 9.20 -17.34 -6.73
CA LEU A 210 8.20 -16.66 -5.93
C LEU A 210 6.93 -16.39 -6.70
N VAL A 211 7.06 -15.90 -7.94
CA VAL A 211 5.88 -15.60 -8.75
C VAL A 211 5.10 -16.88 -9.07
N ARG A 212 5.80 -17.99 -9.30
CA ARG A 212 5.06 -19.23 -9.52
C ARG A 212 4.29 -19.65 -8.26
N GLY A 213 4.91 -19.52 -7.10
CA GLY A 213 4.21 -19.75 -5.84
C GLY A 213 3.00 -18.88 -5.59
N VAL A 214 3.16 -17.57 -5.78
CA VAL A 214 2.09 -16.62 -5.53
C VAL A 214 0.94 -16.85 -6.51
N ALA A 215 1.26 -16.94 -7.80
CA ALA A 215 0.23 -17.18 -8.81
C ALA A 215 -0.49 -18.51 -8.53
N GLY A 216 0.29 -19.48 -8.06
CA GLY A 216 -0.24 -20.79 -7.75
C GLY A 216 -1.26 -20.73 -6.63
N PHE A 217 -0.96 -19.95 -5.59
CA PHE A 217 -1.90 -19.82 -4.48
C PHE A 217 -3.13 -19.01 -4.89
N LEU A 218 -2.89 -17.91 -5.59
CA LEU A 218 -3.96 -17.04 -6.08
C LEU A 218 -4.98 -17.80 -6.91
N ALA A 219 -4.53 -18.76 -7.72
CA ALA A 219 -5.48 -19.48 -8.56
C ALA A 219 -6.40 -20.40 -7.76
N THR A 220 -5.95 -20.89 -6.61
CA THR A 220 -6.79 -21.73 -5.75
C THR A 220 -7.87 -20.92 -5.03
N GLN A 221 -7.60 -19.63 -4.84
CA GLN A 221 -8.55 -18.74 -4.18
C GLN A 221 -9.80 -18.50 -5.02
N ASN B 7 -22.45 -2.02 -3.90
CA ASN B 7 -21.55 -2.59 -2.91
C ASN B 7 -20.13 -2.22 -3.30
N ILE B 8 -19.48 -1.44 -2.43
CA ILE B 8 -18.10 -0.98 -2.59
C ILE B 8 -16.99 -1.72 -1.83
N ALA B 9 -17.35 -2.69 -0.98
CA ALA B 9 -16.29 -3.50 -0.36
C ALA B 9 -15.48 -4.23 -1.43
N GLY B 10 -14.16 -4.19 -1.25
CA GLY B 10 -13.21 -4.79 -2.17
C GLY B 10 -12.62 -3.84 -3.22
N MET B 11 -13.29 -2.73 -3.50
CA MET B 11 -12.69 -1.57 -4.15
C MET B 11 -11.30 -1.24 -3.58
N VAL B 12 -10.49 -0.56 -4.37
CA VAL B 12 -9.16 -0.15 -3.91
C VAL B 12 -9.01 1.37 -4.08
N VAL B 13 -8.63 2.04 -2.99
CA VAL B 13 -8.42 3.48 -3.00
C VAL B 13 -7.04 3.83 -2.45
N PHE B 14 -6.31 4.63 -3.21
CA PHE B 14 -5.00 5.11 -2.78
C PHE B 14 -5.10 6.52 -2.17
N ILE B 15 -4.64 6.66 -0.94
CA ILE B 15 -4.71 7.93 -0.20
C ILE B 15 -3.32 8.55 -0.09
N ASP B 16 -3.20 9.81 -0.47
CA ASP B 16 -1.89 10.47 -0.45
C ASP B 16 -1.91 11.70 0.46
N PRO B 17 -1.51 11.54 1.73
CA PRO B 17 -1.37 12.73 2.58
C PRO B 17 -0.21 13.60 2.14
N GLY B 18 -0.52 14.78 1.63
CA GLY B 18 0.46 15.69 1.06
C GLY B 18 1.63 16.03 1.96
N HIS B 19 2.81 16.17 1.37
CA HIS B 19 4.04 16.55 2.07
C HIS B 19 4.54 15.49 3.05
N THR B 46 2.69 24.13 4.40
CA THR B 46 2.39 25.43 5.00
C THR B 46 2.07 25.28 6.48
N SER B 47 1.42 26.28 7.08
CA SER B 47 1.05 26.15 8.49
C SER B 47 -0.10 27.07 8.97
N THR B 48 -0.66 26.71 10.12
CA THR B 48 -1.61 27.53 10.86
C THR B 48 -0.89 28.73 11.44
N ASN B 49 -1.62 29.78 11.82
CA ASN B 49 -0.94 30.90 12.45
C ASN B 49 -0.22 30.48 13.74
N SER B 50 -0.80 29.51 14.44
CA SER B 50 -0.17 28.93 15.63
C SER B 50 1.03 28.03 15.34
N GLY B 51 1.22 27.69 14.06
CA GLY B 51 2.37 26.89 13.64
C GLY B 51 2.09 25.39 13.53
N TYR B 52 0.82 25.01 13.48
CA TYR B 52 0.43 23.61 13.26
C TYR B 52 0.54 23.28 11.77
N PRO B 53 1.46 22.37 11.41
CA PRO B 53 1.88 22.14 10.03
C PRO B 53 0.90 21.33 9.18
N GLU B 54 0.90 21.63 7.88
CA GLU B 54 0.07 20.93 6.91
C GLU B 54 0.29 19.42 6.88
N HIS B 55 1.55 18.99 6.90
CA HIS B 55 1.87 17.57 6.81
C HIS B 55 1.26 16.71 7.92
N THR B 56 1.12 17.29 9.12
CA THR B 56 0.50 16.57 10.23
C THR B 56 -1.02 16.53 10.14
N PHE B 57 -1.61 17.64 9.71
CA PHE B 57 -3.04 17.69 9.45
C PHE B 57 -3.44 16.66 8.40
N THR B 58 -2.72 16.66 7.29
CA THR B 58 -3.02 15.76 6.20
C THR B 58 -2.75 14.31 6.57
N TRP B 59 -1.67 14.08 7.30
CA TRP B 59 -1.36 12.72 7.75
C TRP B 59 -2.46 12.16 8.64
N GLU B 60 -2.81 12.90 9.68
CA GLU B 60 -3.83 12.47 10.66
C GLU B 60 -5.19 12.28 10.01
N THR B 61 -5.58 13.24 9.18
CA THR B 61 -6.86 13.16 8.49
C THR B 61 -6.85 11.96 7.56
N GLY B 62 -5.70 11.71 6.93
CA GLY B 62 -5.55 10.57 6.05
C GLY B 62 -5.72 9.26 6.80
N LEU B 63 -5.20 9.21 8.03
CA LEU B 63 -5.39 8.04 8.89
C LEU B 63 -6.84 7.80 9.28
N ARG B 64 -7.56 8.89 9.54
CA ARG B 64 -8.99 8.77 9.87
C ARG B 64 -9.81 8.31 8.66
N LEU B 65 -9.48 8.84 7.49
CA LEU B 65 -10.12 8.43 6.25
C LEU B 65 -9.84 6.95 6.01
N ARG B 66 -8.60 6.54 6.28
CA ARG B 66 -8.21 5.15 6.07
C ARG B 66 -9.00 4.22 6.96
N ALA B 67 -9.13 4.58 8.24
CA ALA B 67 -9.93 3.78 9.15
C ALA B 67 -11.39 3.68 8.72
N ALA B 68 -11.98 4.80 8.28
CA ALA B 68 -13.38 4.76 7.85
C ALA B 68 -13.61 3.88 6.62
N LEU B 69 -12.72 4.05 5.65
CA LEU B 69 -12.79 3.24 4.43
C LEU B 69 -12.60 1.77 4.72
N ASN B 70 -11.57 1.45 5.52
CA ASN B 70 -11.36 0.06 5.90
C ASN B 70 -12.63 -0.47 6.57
N ALA B 71 -13.27 0.40 7.35
CA ALA B 71 -14.49 0.03 8.04
C ALA B 71 -15.61 -0.30 7.05
N LEU B 72 -15.54 0.28 5.85
CA LEU B 72 -16.56 -0.01 4.85
C LEU B 72 -16.17 -1.20 3.96
N GLY B 73 -15.03 -1.84 4.28
CA GLY B 73 -14.52 -2.95 3.49
C GLY B 73 -13.74 -2.55 2.26
N VAL B 74 -13.47 -1.26 2.15
CA VAL B 74 -12.71 -0.67 1.05
C VAL B 74 -11.22 -0.88 1.27
N ARG B 75 -10.49 -1.30 0.24
CA ARG B 75 -9.07 -1.55 0.44
C ARG B 75 -8.31 -0.24 0.23
N THR B 76 -7.50 0.12 1.22
CA THR B 76 -6.84 1.41 1.22
C THR B 76 -5.32 1.31 1.23
N ALA B 77 -4.64 2.35 0.76
CA ALA B 77 -3.20 2.45 0.95
C ALA B 77 -2.76 3.90 1.17
N LEU B 78 -1.61 4.07 1.82
CA LEU B 78 -1.07 5.38 2.14
C LEU B 78 0.27 5.58 1.41
N SER B 79 0.60 6.83 1.06
CA SER B 79 1.88 7.11 0.45
C SER B 79 3.01 6.94 1.45
N ASN B 95 2.91 6.34 -9.46
CA ASN B 95 3.87 5.26 -9.65
C ASN B 95 3.64 4.08 -8.70
N MET B 96 3.42 4.39 -7.43
CA MET B 96 2.94 3.40 -6.48
C MET B 96 1.51 3.11 -6.90
N ALA B 97 0.78 4.21 -7.05
CA ALA B 97 -0.61 4.18 -7.43
C ALA B 97 -0.78 3.43 -8.73
N ASN B 98 0.03 3.75 -9.74
CA ASN B 98 -0.10 3.05 -11.00
C ASN B 98 0.08 1.56 -10.78
N ALA B 99 1.04 1.19 -9.92
CA ALA B 99 1.30 -0.22 -9.70
C ALA B 99 0.10 -0.89 -9.04
N LEU B 100 -0.66 -0.13 -8.26
CA LEU B 100 -1.79 -0.73 -7.56
C LEU B 100 -3.11 -0.67 -8.34
N ARG B 101 -3.17 0.14 -9.40
CA ARG B 101 -4.39 0.28 -10.21
C ARG B 101 -5.67 0.47 -9.40
N PRO B 102 -5.73 1.54 -8.58
CA PRO B 102 -6.88 1.72 -7.69
C PRO B 102 -8.10 2.26 -8.44
N ASN B 103 -9.27 2.13 -7.81
CA ASN B 103 -10.49 2.71 -8.33
C ASN B 103 -10.52 4.22 -8.13
N ALA B 104 -9.79 4.70 -7.14
CA ALA B 104 -9.77 6.11 -6.85
C ALA B 104 -8.50 6.51 -6.11
N ILE B 105 -7.98 7.69 -6.44
CA ILE B 105 -6.81 8.23 -5.77
C ILE B 105 -7.17 9.59 -5.21
N VAL B 106 -6.98 9.78 -3.91
CA VAL B 106 -7.25 11.08 -3.30
C VAL B 106 -6.05 11.62 -2.52
N SER B 107 -5.57 12.79 -2.93
CA SER B 107 -4.44 13.45 -2.27
C SER B 107 -5.00 14.55 -1.39
N LEU B 108 -4.47 14.66 -0.18
CA LEU B 108 -4.96 15.61 0.82
C LEU B 108 -4.00 16.76 1.08
N HIS B 109 -4.52 17.98 1.03
CA HIS B 109 -3.72 19.17 1.27
C HIS B 109 -4.46 20.25 2.05
N ALA B 110 -3.72 21.25 2.49
CA ALA B 110 -4.29 22.46 3.03
C ALA B 110 -3.51 23.64 2.47
N ASP B 111 -4.22 24.72 2.19
CA ASP B 111 -3.63 25.88 1.53
C ASP B 111 -2.99 26.87 2.48
N GLY B 112 -2.04 27.64 1.97
CA GLY B 112 -1.51 28.78 2.69
C GLY B 112 -1.93 29.94 1.83
N GLY B 113 -3.14 30.44 2.09
CA GLY B 113 -3.72 31.51 1.30
C GLY B 113 -3.83 32.81 2.06
N PRO B 114 -4.49 33.81 1.44
CA PRO B 114 -4.71 35.05 2.19
C PRO B 114 -5.63 34.76 3.36
N ALA B 115 -5.41 35.44 4.49
CA ALA B 115 -6.11 35.11 5.73
C ALA B 115 -7.64 35.15 5.59
N SER B 116 -8.13 36.07 4.76
CA SER B 116 -9.56 36.26 4.58
C SER B 116 -10.21 35.16 3.73
N GLY B 117 -9.37 34.39 3.03
CA GLY B 117 -9.85 33.29 2.22
C GLY B 117 -10.07 32.04 3.05
N ARG B 118 -11.20 31.36 2.85
CA ARG B 118 -11.45 30.10 3.54
C ARG B 118 -12.28 29.17 2.68
N GLY B 119 -12.24 27.89 3.04
CA GLY B 119 -13.06 26.89 2.37
C GLY B 119 -12.20 25.97 1.53
N PHE B 120 -12.80 24.90 1.04
CA PHE B 120 -12.13 23.87 0.26
C PHE B 120 -12.24 24.12 -1.24
N HIS B 121 -11.29 23.60 -2.01
CA HIS B 121 -11.51 23.39 -3.44
C HIS B 121 -10.99 22.02 -3.90
N VAL B 122 -11.68 21.44 -4.88
CA VAL B 122 -11.30 20.14 -5.40
C VAL B 122 -10.65 20.32 -6.76
N ASN B 123 -9.40 19.89 -6.84
CA ASN B 123 -8.61 20.03 -8.04
C ASN B 123 -8.64 18.76 -8.85
N TYR B 124 -8.71 18.93 -10.17
CA TYR B 124 -8.68 17.81 -11.10
C TYR B 124 -7.91 18.22 -12.34
N SER B 125 -7.31 17.25 -13.04
CA SER B 125 -6.53 17.56 -14.23
C SER B 125 -7.43 18.08 -15.35
N ALA B 126 -7.13 19.29 -15.83
CA ALA B 126 -7.84 19.84 -16.97
C ALA B 126 -6.98 20.82 -17.76
N PRO B 127 -6.99 20.72 -19.10
CA PRO B 127 -7.67 19.71 -19.93
C PRO B 127 -7.11 18.30 -19.67
N PRO B 128 -7.91 17.26 -19.92
CA PRO B 128 -7.50 15.87 -19.65
C PRO B 128 -6.43 15.39 -20.63
N LEU B 129 -5.56 14.51 -20.15
CA LEU B 129 -4.51 13.91 -20.96
C LEU B 129 -4.89 12.47 -21.32
N ASN B 130 -6.02 12.02 -20.79
CA ASN B 130 -6.56 10.71 -21.13
C ASN B 130 -8.03 10.58 -20.76
N ALA B 131 -8.63 9.44 -21.09
CA ALA B 131 -10.07 9.29 -20.95
C ALA B 131 -10.52 9.18 -19.49
N ILE B 132 -9.64 8.69 -18.63
CA ILE B 132 -9.96 8.63 -17.20
C ILE B 132 -10.04 10.03 -16.59
N GLN B 133 -9.09 10.89 -16.96
CA GLN B 133 -9.08 12.28 -16.52
C GLN B 133 -10.25 13.06 -17.11
N ALA B 134 -10.69 12.62 -18.29
CA ALA B 134 -11.77 13.29 -19.02
C ALA B 134 -13.15 12.99 -18.46
N GLY B 135 -13.29 11.85 -17.79
CA GLY B 135 -14.59 11.40 -17.35
C GLY B 135 -14.64 11.07 -15.88
N PRO B 136 -14.27 9.84 -15.52
CA PRO B 136 -14.32 9.34 -14.13
C PRO B 136 -13.73 10.31 -13.12
N SER B 137 -12.60 10.92 -13.43
CA SER B 137 -11.96 11.86 -12.51
C SER B 137 -12.77 13.12 -12.27
N VAL B 138 -13.46 13.61 -13.31
CA VAL B 138 -14.29 14.78 -13.15
C VAL B 138 -15.53 14.46 -12.32
N GLN B 139 -16.12 13.29 -12.59
CA GLN B 139 -17.23 12.78 -11.78
C GLN B 139 -16.83 12.66 -10.31
N PHE B 140 -15.62 12.15 -10.09
CA PHE B 140 -15.10 11.97 -8.75
C PHE B 140 -14.97 13.34 -8.09
N ALA B 141 -14.50 14.32 -8.85
CA ALA B 141 -14.30 15.66 -8.32
C ALA B 141 -15.63 16.31 -7.94
N ARG B 142 -16.62 16.16 -8.82
CA ARG B 142 -17.95 16.72 -8.59
C ARG B 142 -18.62 16.09 -7.38
N ILE B 143 -18.57 14.76 -7.30
CA ILE B 143 -19.19 14.05 -6.18
C ILE B 143 -18.51 14.42 -4.86
N MET B 144 -17.17 14.52 -4.90
CA MET B 144 -16.43 14.93 -3.71
C MET B 144 -16.77 16.34 -3.26
N ARG B 145 -16.85 17.28 -4.21
CA ARG B 145 -17.27 18.63 -3.91
C ARG B 145 -18.66 18.62 -3.27
N ASP B 146 -19.58 17.87 -3.86
CA ASP B 146 -20.95 17.77 -3.37
C ASP B 146 -20.97 17.27 -1.94
N GLN B 147 -20.15 16.26 -1.64
CA GLN B 147 -20.18 15.62 -0.33
C GLN B 147 -19.51 16.49 0.74
N LEU B 148 -18.47 17.22 0.32
CA LEU B 148 -17.78 18.15 1.20
C LEU B 148 -18.78 19.24 1.57
N GLN B 149 -19.52 19.72 0.59
CA GLN B 149 -20.60 20.67 0.86
C GLN B 149 -21.66 20.09 1.78
N ALA B 150 -22.03 18.84 1.54
CA ALA B 150 -23.04 18.16 2.35
C ALA B 150 -22.57 17.94 3.78
N SER B 151 -21.27 18.05 4.00
CA SER B 151 -20.71 17.78 5.32
C SER B 151 -20.45 19.05 6.12
N GLY B 152 -20.90 20.19 5.62
CA GLY B 152 -20.76 21.43 6.36
C GLY B 152 -19.46 22.18 6.11
N ILE B 153 -18.71 21.75 5.11
CA ILE B 153 -17.48 22.44 4.77
C ILE B 153 -17.72 23.46 3.67
N PRO B 154 -17.53 24.76 3.99
CA PRO B 154 -17.79 25.83 3.02
C PRO B 154 -16.85 25.75 1.82
N LYS B 155 -17.37 25.96 0.62
CA LYS B 155 -16.55 26.07 -0.58
C LYS B 155 -15.63 27.28 -0.51
N ALA B 156 -14.41 27.13 -1.03
CA ALA B 156 -13.44 28.22 -1.07
C ALA B 156 -14.04 29.48 -1.71
N ASN B 157 -13.83 30.61 -1.05
CA ASN B 157 -14.32 31.90 -1.53
C ASN B 157 -13.25 32.74 -2.25
N TYR B 158 -12.09 32.13 -2.46
CA TYR B 158 -10.93 32.88 -2.95
C TYR B 158 -10.25 32.19 -4.13
N ILE B 159 -10.69 31.00 -4.48
CA ILE B 159 -10.06 30.24 -5.55
C ILE B 159 -11.03 29.24 -6.18
N GLY B 160 -10.86 28.97 -7.47
CA GLY B 160 -11.74 28.06 -8.18
C GLY B 160 -13.15 28.59 -8.36
N GLN B 161 -14.07 27.67 -8.60
CA GLN B 161 -15.47 28.02 -8.82
C GLN B 161 -16.33 26.90 -8.25
N ASP B 162 -17.11 27.22 -7.24
CA ASP B 162 -18.02 26.27 -6.59
C ASP B 162 -17.27 25.09 -5.99
N GLY B 163 -16.05 25.34 -5.52
CA GLY B 163 -15.30 24.32 -4.83
C GLY B 163 -14.57 23.39 -5.77
N LEU B 164 -14.54 23.75 -7.05
CA LEU B 164 -13.88 22.93 -8.05
C LEU B 164 -12.85 23.78 -8.78
N TYR B 165 -11.80 23.13 -9.25
CA TYR B 165 -10.73 23.80 -9.97
C TYR B 165 -10.10 22.81 -10.94
N GLY B 166 -10.38 22.99 -12.22
CA GLY B 166 -9.72 22.22 -13.25
C GLY B 166 -8.44 22.89 -13.67
N ARG B 167 -7.32 22.18 -13.62
CA ARG B 167 -6.05 22.83 -13.88
C ARG B 167 -5.03 21.90 -14.56
N SER B 168 -4.04 22.51 -15.20
CA SER B 168 -3.13 21.79 -16.07
C SER B 168 -1.73 21.74 -15.48
N ASP B 169 -1.54 22.39 -14.33
CA ASP B 169 -0.19 22.65 -13.83
C ASP B 169 0.30 21.65 -12.77
N LEU B 170 -0.57 20.75 -12.32
CA LEU B 170 -0.20 19.85 -11.23
C LEU B 170 0.21 18.49 -11.79
N ALA B 171 1.49 18.16 -11.63
CA ALA B 171 2.07 16.94 -12.19
C ALA B 171 1.38 15.66 -11.71
N GLY B 172 1.03 15.63 -10.44
CA GLY B 172 0.41 14.47 -9.82
C GLY B 172 -0.91 14.11 -10.47
N LEU B 173 -1.67 15.12 -10.84
CA LEU B 173 -2.93 14.93 -11.53
C LEU B 173 -2.70 14.61 -13.01
N ASN B 174 -1.77 15.34 -13.63
CA ASN B 174 -1.45 15.18 -15.04
C ASN B 174 -1.00 13.77 -15.38
N LEU B 175 -0.25 13.14 -14.49
CA LEU B 175 0.38 11.84 -14.77
C LEU B 175 -0.51 10.66 -14.38
N ALA B 176 -1.65 10.94 -13.77
CA ALA B 176 -2.53 9.89 -13.29
C ALA B 176 -3.23 9.16 -14.43
N GLN B 177 -3.31 7.84 -14.31
CA GLN B 177 -3.94 7.00 -15.32
C GLN B 177 -5.18 6.34 -14.70
N TYR B 178 -5.46 6.71 -13.46
CA TYR B 178 -6.61 6.20 -12.75
C TYR B 178 -7.33 7.40 -12.12
N PRO B 179 -8.60 7.24 -11.71
CA PRO B 179 -9.33 8.42 -11.24
C PRO B 179 -8.62 9.07 -10.06
N SER B 180 -8.45 10.39 -10.11
CA SER B 180 -7.56 11.09 -9.21
C SER B 180 -8.01 12.53 -9.00
N ILE B 181 -8.09 12.95 -7.74
CA ILE B 181 -8.38 14.33 -7.40
C ILE B 181 -7.47 14.81 -6.29
N LEU B 182 -7.33 16.13 -6.15
CA LEU B 182 -6.54 16.67 -5.06
C LEU B 182 -7.40 17.62 -4.26
N VAL B 183 -7.64 17.29 -3.00
CA VAL B 183 -8.53 18.09 -2.19
C VAL B 183 -7.71 19.01 -1.28
N GLU B 184 -7.94 20.31 -1.42
CA GLU B 184 -7.42 21.26 -0.45
C GLU B 184 -8.56 21.49 0.53
N LEU B 185 -8.39 21.01 1.76
CA LEU B 185 -9.50 20.98 2.70
C LEU B 185 -9.85 22.36 3.28
N GLY B 186 -8.89 23.28 3.21
CA GLY B 186 -9.13 24.64 3.65
C GLY B 186 -7.87 25.48 3.62
N ASN B 187 -7.95 26.67 4.21
CA ASN B 187 -6.82 27.57 4.27
C ASN B 187 -6.27 27.61 5.69
N MET B 188 -5.04 27.14 5.88
CA MET B 188 -4.44 27.08 7.20
C MET B 188 -4.26 28.48 7.79
N LYS B 189 -4.30 29.51 6.96
CA LYS B 189 -4.07 30.85 7.47
C LYS B 189 -5.39 31.44 7.91
N ASN B 190 -6.50 30.81 7.51
CA ASN B 190 -7.80 31.28 7.95
C ASN B 190 -8.08 30.71 9.34
N PRO B 191 -8.53 31.55 10.27
CA PRO B 191 -8.77 31.21 11.68
C PRO B 191 -9.86 30.16 11.86
N ALA B 192 -10.86 30.16 10.98
CA ALA B 192 -11.97 29.23 11.09
C ALA B 192 -11.57 27.86 10.58
N ASP B 193 -10.90 27.85 9.42
CA ASP B 193 -10.40 26.61 8.86
C ASP B 193 -9.37 26.07 9.83
N SER B 194 -8.52 26.96 10.33
CA SER B 194 -7.43 26.53 11.20
C SER B 194 -8.01 25.97 12.49
N ALA B 195 -9.15 26.53 12.90
CA ALA B 195 -9.82 26.05 14.09
C ALA B 195 -10.32 24.64 13.87
N LEU B 196 -10.80 24.37 12.66
CA LEU B 196 -11.22 23.01 12.32
C LEU B 196 -10.03 22.05 12.28
N MET B 197 -8.96 22.46 11.60
CA MET B 197 -7.77 21.64 11.40
C MET B 197 -7.02 21.29 12.70
N GLU B 198 -6.99 22.24 13.62
CA GLU B 198 -6.28 22.04 14.88
C GLU B 198 -7.09 21.25 15.91
N SER B 199 -8.28 20.82 15.50
CA SER B 199 -9.17 20.11 16.40
C SER B 199 -9.29 18.68 15.91
N ALA B 200 -9.21 17.72 16.82
CA ALA B 200 -9.45 16.32 16.47
C ALA B 200 -10.85 16.14 15.90
N GLU B 201 -11.80 16.87 16.47
CA GLU B 201 -13.19 16.79 16.03
C GLU B 201 -13.34 17.33 14.60
N GLY B 202 -12.70 18.46 14.34
CA GLY B 202 -12.68 19.03 13.00
C GLY B 202 -12.04 18.10 11.98
N ARG B 203 -10.94 17.49 12.37
CA ARG B 203 -10.22 16.57 11.47
C ARG B 203 -11.06 15.32 11.18
N GLN B 204 -11.80 14.87 12.18
CA GLN B 204 -12.69 13.73 12.00
C GLN B 204 -13.85 14.11 11.09
N LYS B 205 -14.42 15.29 11.30
CA LYS B 205 -15.39 15.90 10.38
C LYS B 205 -14.91 15.83 8.92
N TYR B 206 -13.72 16.38 8.68
CA TYR B 206 -13.12 16.38 7.34
C TYR B 206 -13.02 14.95 6.79
N ALA B 207 -12.62 14.02 7.66
CA ALA B 207 -12.47 12.63 7.26
C ALA B 207 -13.82 12.03 6.87
N ASN B 208 -14.86 12.34 7.63
CA ASN B 208 -16.22 11.91 7.32
C ASN B 208 -16.66 12.42 5.96
N ALA B 209 -16.28 13.65 5.65
CA ALA B 209 -16.65 14.22 4.36
C ALA B 209 -15.92 13.53 3.22
N LEU B 210 -14.62 13.30 3.42
CA LEU B 210 -13.81 12.59 2.43
C LEU B 210 -14.35 11.18 2.18
N VAL B 211 -14.70 10.46 3.25
CA VAL B 211 -15.22 9.11 3.11
C VAL B 211 -16.55 9.14 2.37
N ARG B 212 -17.36 10.18 2.62
CA ARG B 212 -18.62 10.32 1.89
C ARG B 212 -18.38 10.53 0.39
N GLY B 213 -17.41 11.38 0.06
CA GLY B 213 -16.99 11.56 -1.33
C GLY B 213 -16.48 10.31 -2.03
N VAL B 214 -15.56 9.61 -1.36
CA VAL B 214 -14.94 8.42 -1.93
C VAL B 214 -15.98 7.32 -2.11
N ALA B 215 -16.75 7.04 -1.06
CA ALA B 215 -17.79 6.02 -1.14
C ALA B 215 -18.80 6.37 -2.24
N GLY B 216 -19.09 7.67 -2.36
CA GLY B 216 -20.03 8.15 -3.35
C GLY B 216 -19.55 7.88 -4.76
N PHE B 217 -18.27 8.13 -5.02
CA PHE B 217 -17.73 7.88 -6.35
C PHE B 217 -17.61 6.38 -6.63
N LEU B 218 -17.11 5.64 -5.64
CA LEU B 218 -16.94 4.19 -5.74
C LEU B 218 -18.25 3.49 -6.07
N ALA B 219 -19.36 3.98 -5.54
CA ALA B 219 -20.63 3.31 -5.81
C ALA B 219 -21.09 3.48 -7.26
N THR B 220 -20.68 4.58 -7.89
CA THR B 220 -21.01 4.81 -9.29
C THR B 220 -20.22 3.91 -10.23
N GLN B 221 -19.06 3.46 -9.76
CA GLN B 221 -18.21 2.57 -10.55
C GLN B 221 -18.85 1.19 -10.71
ZN ZN C . 15.18 -10.60 7.93
ZN ZN D . 0.13 21.07 0.08
#